data_9Y0R
#
_entry.id   9Y0R
#
_cell.length_a   78.611
_cell.length_b   90.120
_cell.length_c   100.730
_cell.angle_alpha   90.000
_cell.angle_beta   90.000
_cell.angle_gamma   90.000
#
_symmetry.space_group_name_H-M   'P 21 21 21'
#
loop_
_entity.id
_entity.type
_entity.pdbx_description
1 polymer 'Importin subunit alpha-1'
2 polymer 'Cyclic AMP-dependent transcription factor ATF-2'
3 water water
#
loop_
_entity_poly.entity_id
_entity_poly.type
_entity_poly.pdbx_seq_one_letter_code
_entity_poly.pdbx_strand_id
1 'polypeptide(L)'
;MHHHHHHSSGLVPRGSGMLETAAALFERNHMDSPDLGTDDDDLAMADIGSNQGTVNWSVEDIVKGINSNNLESQLQATQA
ARKLLSREKQPPIDNIIRAGLIPKFVSFLGKTDCSPIQFESAWALTNIASGTSEQTKAVVDGGAIPAFISLLASPHAHIS
EQAVWALGNIAGDGSAFRDLVIKHGAIDPLLALLAVPDLSTLACGYLRNLTWTLSNLCRNKNPAPPLDAVEQILPTLVRL
LHHNDPEVLADSCWAISYLTDGPNERIEMVVKKGVVPQLVKLLGATELPIVTPALRAIGNIVTGTDEQTQKVIDAGALAV
FPSLLTNPKTNIQKEATWTMSNITAGRQDQIQQVVNHGLVPFLVGVLSKADFKTQKEAAWAITNYTSGGTVEQIVYLVHC
GIIEPLMNLLSAKDTKIIQVILDAISNIFQAAEKLGETEKLSIMIEECGGLDKIEALQRHENESVYKASLNLIEKYFSVE
EEEDQNVVPETTSEGFAFQVQDGAPGTFNF
;
A
2 'polypeptide(L)' DEKRRKFLERNRAAASRCRQKRKVWVQ B
#
# COMPACT_ATOMS: atom_id res chain seq x y z
N ASN A 56 -36.22 -13.92 -6.96
CA ASN A 56 -35.78 -14.37 -5.64
C ASN A 56 -36.00 -15.88 -5.50
N TRP A 57 -35.38 -16.65 -6.37
CA TRP A 57 -35.52 -18.10 -6.34
C TRP A 57 -34.93 -18.66 -5.07
N SER A 58 -35.34 -19.89 -4.74
CA SER A 58 -34.69 -20.67 -3.71
C SER A 58 -33.55 -21.47 -4.32
N VAL A 59 -32.60 -21.87 -3.47
CA VAL A 59 -31.48 -22.68 -3.96
C VAL A 59 -32.00 -23.99 -4.52
N GLU A 60 -33.09 -24.52 -3.95
CA GLU A 60 -33.65 -25.78 -4.45
C GLU A 60 -34.15 -25.62 -5.88
N ASP A 61 -34.87 -24.52 -6.16
CA ASP A 61 -35.35 -24.28 -7.51
C ASP A 61 -34.19 -24.05 -8.48
N ILE A 62 -33.17 -23.31 -8.04
CA ILE A 62 -32.00 -23.10 -8.87
C ILE A 62 -31.37 -24.43 -9.25
N VAL A 63 -31.21 -25.32 -8.27
CA VAL A 63 -30.63 -26.64 -8.53
C VAL A 63 -31.51 -27.43 -9.48
N LYS A 64 -32.83 -27.37 -9.27
CA LYS A 64 -33.75 -28.09 -10.16
C LYS A 64 -33.58 -27.62 -11.60
N GLY A 65 -33.49 -26.31 -11.80
CA GLY A 65 -33.35 -25.80 -13.15
C GLY A 65 -31.99 -26.12 -13.76
N ILE A 66 -30.92 -26.02 -12.98
CA ILE A 66 -29.59 -26.26 -13.51
C ILE A 66 -29.40 -27.74 -13.84
N ASN A 67 -30.08 -28.62 -13.10
CA ASN A 67 -29.97 -30.05 -13.35
C ASN A 67 -30.87 -30.53 -14.48
N SER A 68 -31.76 -29.67 -14.98
CA SER A 68 -32.58 -30.04 -16.13
C SER A 68 -31.72 -30.12 -17.38
N ASN A 69 -32.17 -30.94 -18.34
CA ASN A 69 -31.49 -31.08 -19.63
C ASN A 69 -31.95 -30.05 -20.64
N ASN A 70 -32.33 -28.86 -20.17
CA ASN A 70 -32.87 -27.79 -21.02
C ASN A 70 -31.96 -26.58 -20.86
N LEU A 71 -31.24 -26.24 -21.93
CA LEU A 71 -30.28 -25.13 -21.84
C LEU A 71 -30.95 -23.84 -21.42
N GLU A 72 -32.19 -23.60 -21.84
CA GLU A 72 -32.85 -22.35 -21.48
C GLU A 72 -33.27 -22.36 -20.02
N SER A 73 -33.77 -23.50 -19.53
CA SER A 73 -34.06 -23.62 -18.10
C SER A 73 -32.79 -23.46 -17.27
N GLN A 74 -31.69 -24.06 -17.74
CA GLN A 74 -30.42 -23.89 -17.05
C GLN A 74 -30.00 -22.42 -17.04
N LEU A 75 -30.20 -21.71 -18.16
CA LEU A 75 -29.82 -20.31 -18.22
C LEU A 75 -30.65 -19.48 -17.23
N GLN A 76 -31.95 -19.75 -17.16
CA GLN A 76 -32.80 -19.00 -16.24
C GLN A 76 -32.43 -19.29 -14.79
N ALA A 77 -32.15 -20.56 -14.47
CA ALA A 77 -31.72 -20.89 -13.11
C ALA A 77 -30.37 -20.25 -12.78
N THR A 78 -29.46 -20.20 -13.75
CA THR A 78 -28.16 -19.57 -13.51
C THR A 78 -28.32 -18.07 -13.29
N GLN A 79 -29.20 -17.43 -14.05
CA GLN A 79 -29.47 -16.01 -13.83
C GLN A 79 -30.08 -15.78 -12.46
N ALA A 80 -30.99 -16.67 -12.03
CA ALA A 80 -31.54 -16.57 -10.68
C ALA A 80 -30.44 -16.69 -9.63
N ALA A 81 -29.50 -17.61 -9.84
CA ALA A 81 -28.37 -17.75 -8.91
C ALA A 81 -27.53 -16.47 -8.90
N ARG A 82 -27.26 -15.90 -10.08
CA ARG A 82 -26.50 -14.66 -10.16
C ARG A 82 -27.19 -13.56 -9.35
N LYS A 83 -28.50 -13.41 -9.53
CA LYS A 83 -29.22 -12.37 -8.81
C LYS A 83 -29.22 -12.63 -7.31
N LEU A 84 -29.31 -13.90 -6.91
CA LEU A 84 -29.21 -14.24 -5.49
C LEU A 84 -27.85 -13.85 -4.93
N LEU A 85 -26.78 -14.15 -5.65
CA LEU A 85 -25.43 -13.85 -5.19
C LEU A 85 -25.08 -12.38 -5.32
N SER A 86 -25.91 -11.59 -6.02
CA SER A 86 -25.67 -10.17 -6.20
C SER A 86 -26.49 -9.31 -5.25
N ARG A 87 -27.22 -9.92 -4.32
CA ARG A 87 -28.01 -9.15 -3.38
C ARG A 87 -27.11 -8.48 -2.35
N GLU A 88 -27.59 -7.37 -1.79
CA GLU A 88 -26.73 -6.54 -0.96
C GLU A 88 -26.49 -7.15 0.42
N LYS A 89 -27.41 -7.98 0.90
CA LYS A 89 -27.34 -8.51 2.25
C LYS A 89 -27.12 -10.01 2.22
N GLN A 90 -26.02 -10.46 2.82
CA GLN A 90 -25.73 -11.86 3.07
C GLN A 90 -26.04 -12.74 1.87
N PRO A 91 -25.19 -12.77 0.86
CA PRO A 91 -25.38 -13.71 -0.25
C PRO A 91 -25.21 -15.13 0.24
N PRO A 92 -26.08 -16.07 -0.20
CA PRO A 92 -25.97 -17.46 0.27
C PRO A 92 -24.89 -18.24 -0.47
N ILE A 93 -23.65 -17.75 -0.39
CA ILE A 93 -22.55 -18.38 -1.11
C ILE A 93 -22.37 -19.82 -0.64
N ASP A 94 -22.34 -20.03 0.68
CA ASP A 94 -22.11 -21.38 1.19
C ASP A 94 -23.22 -22.32 0.77
N ASN A 95 -24.46 -21.83 0.72
CA ASN A 95 -25.57 -22.68 0.29
C ASN A 95 -25.41 -23.06 -1.18
N ILE A 96 -24.98 -22.11 -2.01
CA ILE A 96 -24.76 -22.40 -3.43
C ILE A 96 -23.65 -23.44 -3.59
N ILE A 97 -22.59 -23.32 -2.79
CA ILE A 97 -21.48 -24.26 -2.88
C ILE A 97 -21.94 -25.65 -2.45
N ARG A 98 -22.62 -25.73 -1.31
CA ARG A 98 -23.07 -27.02 -0.80
C ARG A 98 -23.96 -27.74 -1.81
N ALA A 99 -24.73 -27.00 -2.59
CA ALA A 99 -25.59 -27.60 -3.61
C ALA A 99 -24.79 -28.19 -4.77
N GLY A 100 -23.48 -28.03 -4.80
CA GLY A 100 -22.67 -28.58 -5.86
C GLY A 100 -22.82 -27.88 -7.20
N LEU A 101 -23.05 -26.57 -7.18
CA LEU A 101 -23.34 -25.83 -8.40
C LEU A 101 -22.09 -25.28 -9.09
N ILE A 102 -20.95 -25.22 -8.41
CA ILE A 102 -19.75 -24.64 -9.03
C ILE A 102 -19.34 -25.42 -10.28
N PRO A 103 -19.26 -26.75 -10.27
CA PRO A 103 -18.89 -27.46 -11.50
C PRO A 103 -19.82 -27.14 -12.67
N LYS A 104 -21.11 -26.99 -12.40
CA LYS A 104 -22.04 -26.67 -13.48
CA LYS A 104 -22.05 -26.66 -13.48
C LYS A 104 -21.76 -25.28 -14.05
N PHE A 105 -21.52 -24.29 -13.19
CA PHE A 105 -21.18 -22.96 -13.67
C PHE A 105 -19.90 -22.97 -14.48
N VAL A 106 -18.90 -23.73 -14.02
CA VAL A 106 -17.63 -23.81 -14.75
C VAL A 106 -17.86 -24.43 -16.12
N SER A 107 -18.69 -25.48 -16.18
CA SER A 107 -19.00 -26.08 -17.47
C SER A 107 -19.73 -25.09 -18.37
N PHE A 108 -20.63 -24.28 -17.80
CA PHE A 108 -21.33 -23.28 -18.59
C PHE A 108 -20.37 -22.22 -19.14
N LEU A 109 -19.29 -21.95 -18.41
CA LEU A 109 -18.32 -20.97 -18.90
C LEU A 109 -17.82 -21.32 -20.30
N GLY A 110 -17.83 -22.60 -20.66
CA GLY A 110 -17.35 -23.06 -21.94
C GLY A 110 -18.41 -23.21 -23.01
N LYS A 111 -19.62 -22.71 -22.80
CA LYS A 111 -20.70 -22.82 -23.79
C LYS A 111 -20.63 -21.62 -24.73
N THR A 112 -19.70 -21.71 -25.69
CA THR A 112 -19.57 -20.63 -26.68
C THR A 112 -20.86 -20.45 -27.47
N ASP A 113 -21.64 -21.52 -27.64
CA ASP A 113 -22.90 -21.44 -28.37
C ASP A 113 -23.93 -20.60 -27.63
N CYS A 114 -23.81 -20.43 -26.32
CA CYS A 114 -24.77 -19.68 -25.50
C CYS A 114 -24.00 -18.65 -24.68
N SER A 115 -23.76 -17.48 -25.27
CA SER A 115 -23.05 -16.43 -24.56
C SER A 115 -23.77 -15.93 -23.30
N PRO A 116 -25.11 -15.87 -23.27
CA PRO A 116 -25.77 -15.41 -22.03
C PRO A 116 -25.47 -16.28 -20.83
N ILE A 117 -25.45 -17.60 -21.00
CA ILE A 117 -25.16 -18.47 -19.87
C ILE A 117 -23.70 -18.34 -19.47
N GLN A 118 -22.81 -18.14 -20.45
CA GLN A 118 -21.43 -17.81 -20.11
C GLN A 118 -21.36 -16.60 -19.19
N PHE A 119 -22.05 -15.53 -19.56
CA PHE A 119 -22.01 -14.31 -18.77
C PHE A 119 -22.61 -14.54 -17.38
N GLU A 120 -23.75 -15.22 -17.30
CA GLU A 120 -24.41 -15.41 -16.02
C GLU A 120 -23.56 -16.27 -15.09
N SER A 121 -23.01 -17.36 -15.61
CA SER A 121 -22.16 -18.21 -14.78
C SER A 121 -20.88 -17.50 -14.38
N ALA A 122 -20.32 -16.67 -15.27
CA ALA A 122 -19.13 -15.91 -14.91
C ALA A 122 -19.42 -14.94 -13.78
N TRP A 123 -20.58 -14.26 -13.85
CA TRP A 123 -20.97 -13.35 -12.77
C TRP A 123 -21.17 -14.09 -11.45
N ALA A 124 -21.87 -15.22 -11.50
CA ALA A 124 -22.11 -16.00 -10.28
C ALA A 124 -20.79 -16.46 -9.67
N LEU A 125 -19.88 -16.98 -10.50
CA LEU A 125 -18.61 -17.45 -9.99
C LEU A 125 -17.75 -16.30 -9.48
N THR A 126 -17.82 -15.14 -10.14
CA THR A 126 -17.14 -13.96 -9.64
C THR A 126 -17.59 -13.64 -8.22
N ASN A 127 -18.91 -13.63 -8.00
CA ASN A 127 -19.42 -13.27 -6.68
C ASN A 127 -19.10 -14.34 -5.65
N ILE A 128 -19.06 -15.61 -6.05
CA ILE A 128 -18.64 -16.65 -5.12
C ILE A 128 -17.17 -16.47 -4.74
N ALA A 129 -16.32 -16.16 -5.73
CA ALA A 129 -14.89 -15.99 -5.48
C ALA A 129 -14.57 -14.69 -4.75
N SER A 130 -15.55 -13.82 -4.54
CA SER A 130 -15.34 -12.56 -3.83
C SER A 130 -15.42 -12.72 -2.32
N GLY A 131 -15.71 -13.92 -1.82
CA GLY A 131 -15.92 -14.15 -0.40
C GLY A 131 -14.67 -14.63 0.30
N THR A 132 -14.85 -15.60 1.19
CA THR A 132 -13.75 -16.11 2.01
C THR A 132 -12.75 -16.86 1.13
N SER A 133 -11.57 -17.12 1.71
CA SER A 133 -10.57 -17.91 1.01
C SER A 133 -11.09 -19.31 0.69
N GLU A 134 -11.93 -19.87 1.56
CA GLU A 134 -12.49 -21.19 1.30
C GLU A 134 -13.43 -21.15 0.09
N GLN A 135 -14.18 -20.06 -0.07
CA GLN A 135 -15.10 -19.97 -1.21
C GLN A 135 -14.34 -19.72 -2.51
N THR A 136 -13.35 -18.85 -2.49
CA THR A 136 -12.48 -18.69 -3.65
C THR A 136 -11.81 -20.02 -4.01
N LYS A 137 -11.38 -20.77 -2.98
CA LYS A 137 -10.76 -22.06 -3.24
C LYS A 137 -11.76 -23.03 -3.85
N ALA A 138 -13.01 -22.97 -3.42
CA ALA A 138 -14.04 -23.80 -4.06
C ALA A 138 -14.17 -23.46 -5.53
N VAL A 139 -14.11 -22.17 -5.86
CA VAL A 139 -14.18 -21.76 -7.27
C VAL A 139 -12.99 -22.29 -8.04
N VAL A 140 -11.78 -22.15 -7.46
CA VAL A 140 -10.57 -22.59 -8.14
C VAL A 140 -10.58 -24.11 -8.34
N ASP A 141 -11.04 -24.84 -7.34
CA ASP A 141 -11.05 -26.30 -7.42
C ASP A 141 -11.99 -26.82 -8.50
N GLY A 142 -12.98 -26.02 -8.90
CA GLY A 142 -13.85 -26.40 -10.00
C GLY A 142 -13.25 -26.25 -11.37
N GLY A 143 -11.99 -25.83 -11.47
CA GLY A 143 -11.37 -25.62 -12.77
C GLY A 143 -11.70 -24.31 -13.42
N ALA A 144 -11.99 -23.28 -12.63
CA ALA A 144 -12.50 -22.02 -13.19
C ALA A 144 -11.39 -21.17 -13.81
N ILE A 145 -10.15 -21.31 -13.36
CA ILE A 145 -9.08 -20.42 -13.80
C ILE A 145 -8.88 -20.52 -15.31
N PRO A 146 -8.63 -21.71 -15.87
CA PRO A 146 -8.42 -21.78 -17.33
C PRO A 146 -9.67 -21.41 -18.12
N ALA A 147 -10.86 -21.71 -17.60
CA ALA A 147 -12.08 -21.30 -18.30
C ALA A 147 -12.19 -19.78 -18.39
N PHE A 148 -11.91 -19.09 -17.28
CA PHE A 148 -11.93 -17.63 -17.31
C PHE A 148 -10.85 -17.08 -18.23
N ILE A 149 -9.67 -17.70 -18.23
CA ILE A 149 -8.61 -17.22 -19.11
C ILE A 149 -9.00 -17.39 -20.57
N SER A 150 -9.69 -18.50 -20.89
CA SER A 150 -10.19 -18.68 -22.24
C SER A 150 -11.25 -17.63 -22.57
N LEU A 151 -12.07 -17.25 -21.58
CA LEU A 151 -13.09 -16.24 -21.81
C LEU A 151 -12.50 -14.85 -21.99
N LEU A 152 -11.28 -14.62 -21.49
CA LEU A 152 -10.65 -13.31 -21.66
C LEU A 152 -10.65 -12.87 -23.11
N ALA A 153 -10.55 -13.81 -24.05
CA ALA A 153 -10.51 -13.51 -25.47
C ALA A 153 -11.88 -13.55 -26.12
N SER A 154 -12.96 -13.53 -25.34
CA SER A 154 -14.29 -13.60 -25.90
C SER A 154 -14.58 -12.37 -26.76
N PRO A 155 -15.36 -12.52 -27.84
CA PRO A 155 -15.74 -11.34 -28.63
C PRO A 155 -16.78 -10.45 -27.95
N HIS A 156 -17.36 -10.88 -26.83
CA HIS A 156 -18.31 -10.08 -26.08
C HIS A 156 -17.57 -9.37 -24.96
N ALA A 157 -17.58 -8.03 -25.00
CA ALA A 157 -16.79 -7.26 -24.05
C ALA A 157 -17.21 -7.51 -22.62
N HIS A 158 -18.53 -7.62 -22.38
CA HIS A 158 -19.00 -7.83 -21.02
C HIS A 158 -18.55 -9.18 -20.46
N ILE A 159 -18.46 -10.21 -21.30
CA ILE A 159 -18.01 -11.51 -20.81
C ILE A 159 -16.52 -11.50 -20.49
N SER A 160 -15.71 -10.89 -21.37
CA SER A 160 -14.29 -10.76 -21.09
C SER A 160 -14.06 -9.93 -19.82
N GLU A 161 -14.84 -8.87 -19.64
CA GLU A 161 -14.73 -8.06 -18.44
C GLU A 161 -15.07 -8.87 -17.20
N GLN A 162 -16.11 -9.70 -17.28
CA GLN A 162 -16.47 -10.53 -16.13
C GLN A 162 -15.37 -11.52 -15.82
N ALA A 163 -14.74 -12.09 -16.85
CA ALA A 163 -13.61 -12.99 -16.62
C ALA A 163 -12.45 -12.25 -15.96
N VAL A 164 -12.19 -11.02 -16.40
CA VAL A 164 -11.16 -10.20 -15.77
C VAL A 164 -11.46 -10.02 -14.29
N TRP A 165 -12.70 -9.65 -13.97
CA TRP A 165 -13.12 -9.47 -12.59
C TRP A 165 -12.90 -10.74 -11.76
N ALA A 166 -13.34 -11.88 -12.31
CA ALA A 166 -13.22 -13.14 -11.57
C ALA A 166 -11.76 -13.48 -11.30
N LEU A 167 -10.90 -13.34 -12.32
CA LEU A 167 -9.49 -13.59 -12.12
C LEU A 167 -8.89 -12.62 -11.11
N GLY A 168 -9.39 -11.39 -11.08
CA GLY A 168 -8.93 -10.44 -10.08
C GLY A 168 -9.25 -10.89 -8.67
N ASN A 169 -10.47 -11.39 -8.46
CA ASN A 169 -10.83 -11.92 -7.13
C ASN A 169 -9.95 -13.10 -6.77
N ILE A 170 -9.77 -14.03 -7.71
CA ILE A 170 -8.98 -15.23 -7.43
C ILE A 170 -7.56 -14.84 -7.05
N ALA A 171 -6.92 -13.99 -7.86
CA ALA A 171 -5.56 -13.57 -7.56
C ALA A 171 -5.50 -12.78 -6.26
N GLY A 172 -6.53 -11.99 -5.97
CA GLY A 172 -6.55 -11.22 -4.74
C GLY A 172 -6.69 -12.06 -3.49
N ASP A 173 -7.10 -13.32 -3.64
CA ASP A 173 -7.11 -14.21 -2.48
C ASP A 173 -5.75 -14.27 -1.80
N GLY A 174 -4.68 -14.44 -2.56
CA GLY A 174 -3.36 -14.53 -1.96
C GLY A 174 -2.30 -14.91 -2.98
N SER A 175 -1.07 -15.01 -2.48
CA SER A 175 0.08 -15.21 -3.36
C SER A 175 0.01 -16.55 -4.08
N ALA A 176 -0.50 -17.59 -3.41
CA ALA A 176 -0.60 -18.90 -4.03
C ALA A 176 -1.51 -18.86 -5.26
N PHE A 177 -2.73 -18.35 -5.08
CA PHE A 177 -3.66 -18.28 -6.21
C PHE A 177 -3.21 -17.26 -7.24
N ARG A 178 -2.56 -16.18 -6.81
CA ARG A 178 -1.98 -15.23 -7.75
C ARG A 178 -0.98 -15.94 -8.68
N ASP A 179 -0.04 -16.69 -8.08
CA ASP A 179 0.94 -17.39 -8.88
C ASP A 179 0.32 -18.49 -9.73
N LEU A 180 -0.76 -19.11 -9.23
CA LEU A 180 -1.45 -20.12 -10.04
C LEU A 180 -2.12 -19.49 -11.26
N VAL A 181 -2.80 -18.36 -11.06
CA VAL A 181 -3.39 -17.63 -12.18
C VAL A 181 -2.30 -17.26 -13.18
N ILE A 182 -1.14 -16.84 -12.69
CA ILE A 182 -0.04 -16.50 -13.59
C ILE A 182 0.44 -17.73 -14.35
N LYS A 183 0.53 -18.87 -13.68
CA LYS A 183 1.01 -20.09 -14.34
C LYS A 183 0.06 -20.54 -15.44
N HIS A 184 -1.25 -20.26 -15.30
CA HIS A 184 -2.21 -20.64 -16.33
C HIS A 184 -2.16 -19.73 -17.55
N GLY A 185 -1.36 -18.65 -17.51
CA GLY A 185 -1.14 -17.82 -18.68
C GLY A 185 -2.12 -16.68 -18.84
N ALA A 186 -2.45 -15.99 -17.74
CA ALA A 186 -3.44 -14.93 -17.79
C ALA A 186 -2.83 -13.59 -18.22
N ILE A 187 -1.56 -13.36 -17.90
CA ILE A 187 -0.97 -12.03 -18.11
C ILE A 187 -1.01 -11.66 -19.59
N ASP A 188 -0.66 -12.59 -20.47
CA ASP A 188 -0.64 -12.28 -21.90
C ASP A 188 -1.99 -11.84 -22.42
N PRO A 189 -3.08 -12.59 -22.24
CA PRO A 189 -4.38 -12.10 -22.71
C PRO A 189 -4.83 -10.83 -22.00
N LEU A 190 -4.57 -10.72 -20.70
CA LEU A 190 -4.97 -9.51 -19.98
C LEU A 190 -4.31 -8.29 -20.59
N LEU A 191 -3.00 -8.35 -20.84
CA LEU A 191 -2.31 -7.21 -21.42
C LEU A 191 -2.70 -7.00 -22.88
N ALA A 192 -3.00 -8.07 -23.60
CA ALA A 192 -3.51 -7.92 -24.96
C ALA A 192 -4.79 -7.09 -24.97
N LEU A 193 -5.61 -7.24 -23.94
CA LEU A 193 -6.82 -6.44 -23.87
C LEU A 193 -6.52 -4.95 -23.81
N LEU A 194 -5.36 -4.57 -23.27
CA LEU A 194 -4.99 -3.17 -23.11
C LEU A 194 -4.08 -2.67 -24.22
N ALA A 195 -3.83 -3.48 -25.25
CA ALA A 195 -2.90 -3.11 -26.32
C ALA A 195 -3.65 -2.27 -27.37
N VAL A 196 -3.94 -1.03 -26.99
CA VAL A 196 -4.64 -0.10 -27.86
C VAL A 196 -3.82 1.19 -27.94
N PRO A 197 -3.91 1.95 -29.04
CA PRO A 197 -3.13 3.20 -29.12
C PRO A 197 -3.52 4.21 -28.05
N ASP A 198 -4.80 4.32 -27.73
CA ASP A 198 -5.29 5.27 -26.75
C ASP A 198 -6.24 4.57 -25.79
N LEU A 199 -5.85 4.49 -24.52
CA LEU A 199 -6.69 3.86 -23.51
C LEU A 199 -8.07 4.51 -23.42
N SER A 200 -8.19 5.77 -23.83
CA SER A 200 -9.47 6.47 -23.71
C SER A 200 -10.55 5.87 -24.59
N THR A 201 -10.18 5.04 -25.57
CA THR A 201 -11.18 4.38 -26.40
C THR A 201 -11.88 3.22 -25.69
N LEU A 202 -11.26 2.67 -24.65
CA LEU A 202 -11.87 1.58 -23.91
C LEU A 202 -12.97 2.09 -23.00
N ALA A 203 -13.93 1.22 -22.71
CA ALA A 203 -14.98 1.56 -21.76
C ALA A 203 -14.38 1.79 -20.37
N CYS A 204 -14.92 2.78 -19.67
CA CYS A 204 -14.35 3.19 -18.38
C CYS A 204 -14.34 2.03 -17.39
N GLY A 205 -15.48 1.38 -17.19
CA GLY A 205 -15.54 0.28 -16.24
C GLY A 205 -14.62 -0.87 -16.62
N TYR A 206 -14.54 -1.16 -17.92
CA TYR A 206 -13.64 -2.21 -18.40
C TYR A 206 -12.20 -1.91 -18.03
N LEU A 207 -11.75 -0.68 -18.31
CA LEU A 207 -10.39 -0.29 -17.98
C LEU A 207 -10.14 -0.34 -16.48
N ARG A 208 -11.10 0.12 -15.68
CA ARG A 208 -10.95 0.08 -14.24
C ARG A 208 -10.79 -1.36 -13.75
N ASN A 209 -11.61 -2.27 -14.26
CA ASN A 209 -11.52 -3.67 -13.84
C ASN A 209 -10.19 -4.28 -14.25
N LEU A 210 -9.74 -3.98 -15.47
CA LEU A 210 -8.44 -4.49 -15.91
C LEU A 210 -7.31 -3.98 -15.01
N THR A 211 -7.33 -2.69 -14.69
CA THR A 211 -6.30 -2.12 -13.84
C THR A 211 -6.32 -2.76 -12.46
N TRP A 212 -7.51 -2.95 -11.89
CA TRP A 212 -7.59 -3.54 -10.56
C TRP A 212 -7.09 -4.98 -10.56
N THR A 213 -7.45 -5.77 -11.58
CA THR A 213 -6.97 -7.14 -11.64
C THR A 213 -5.45 -7.18 -11.78
N LEU A 214 -4.89 -6.34 -12.66
CA LEU A 214 -3.45 -6.27 -12.79
C LEU A 214 -2.79 -5.91 -11.45
N SER A 215 -3.38 -4.95 -10.72
CA SER A 215 -2.85 -4.59 -9.42
C SER A 215 -2.86 -5.79 -8.48
N ASN A 216 -3.92 -6.59 -8.52
CA ASN A 216 -3.95 -7.79 -7.68
C ASN A 216 -2.89 -8.79 -8.10
N LEU A 217 -2.52 -8.81 -9.39
CA LEU A 217 -1.42 -9.68 -9.81
C LEU A 217 -0.07 -9.18 -9.33
N CYS A 218 0.05 -7.89 -9.01
CA CYS A 218 1.26 -7.32 -8.46
C CYS A 218 1.30 -7.36 -6.93
N ARG A 219 0.25 -7.90 -6.30
CA ARG A 219 0.03 -7.76 -4.88
C ARG A 219 0.62 -8.91 -4.08
N ASN A 220 0.83 -8.66 -2.80
CA ASN A 220 1.17 -9.67 -1.80
C ASN A 220 2.63 -10.09 -1.85
N LYS A 221 3.13 -10.60 -0.74
CA LYS A 221 4.52 -11.04 -0.62
C LYS A 221 4.55 -12.45 -0.05
N ASN A 222 5.75 -12.95 0.26
CA ASN A 222 5.93 -14.29 0.82
C ASN A 222 5.22 -15.33 -0.04
N PRO A 223 5.59 -15.47 -1.31
CA PRO A 223 6.63 -14.71 -2.03
C PRO A 223 6.06 -13.53 -2.82
N ALA A 224 6.93 -12.64 -3.28
CA ALA A 224 6.52 -11.59 -4.18
C ALA A 224 6.23 -12.17 -5.56
N PRO A 225 5.52 -11.42 -6.42
CA PRO A 225 5.18 -11.96 -7.73
C PRO A 225 6.42 -12.36 -8.50
N PRO A 226 6.30 -13.31 -9.43
CA PRO A 226 7.47 -13.71 -10.22
C PRO A 226 8.08 -12.51 -10.93
N LEU A 227 9.42 -12.47 -10.93
CA LEU A 227 10.11 -11.32 -11.51
C LEU A 227 9.76 -11.14 -12.99
N ASP A 228 9.72 -12.24 -13.75
CA ASP A 228 9.38 -12.14 -15.16
C ASP A 228 7.98 -11.59 -15.35
N ALA A 229 7.03 -11.97 -14.48
CA ALA A 229 5.68 -11.43 -14.58
C ALA A 229 5.67 -9.94 -14.29
N VAL A 230 6.41 -9.51 -13.28
CA VAL A 230 6.48 -8.08 -12.98
C VAL A 230 7.06 -7.31 -14.16
N GLU A 231 8.12 -7.86 -14.77
CA GLU A 231 8.72 -7.21 -15.93
C GLU A 231 7.74 -7.14 -17.09
N GLN A 232 6.93 -8.19 -17.26
CA GLN A 232 5.94 -8.19 -18.33
C GLN A 232 4.86 -7.14 -18.08
N ILE A 233 4.47 -6.95 -16.82
CA ILE A 233 3.32 -6.10 -16.53
C ILE A 233 3.73 -4.62 -16.43
N LEU A 234 4.94 -4.34 -15.96
CA LEU A 234 5.29 -2.95 -15.61
C LEU A 234 5.06 -1.94 -16.72
N PRO A 235 5.41 -2.19 -17.98
CA PRO A 235 5.19 -1.17 -19.02
C PRO A 235 3.75 -0.72 -19.13
N THR A 236 2.82 -1.68 -19.15
CA THR A 236 1.40 -1.33 -19.17
C THR A 236 1.02 -0.58 -17.90
N LEU A 237 1.65 -0.91 -16.77
CA LEU A 237 1.36 -0.19 -15.54
C LEU A 237 1.78 1.27 -15.65
N VAL A 238 2.92 1.54 -16.29
CA VAL A 238 3.33 2.93 -16.52
C VAL A 238 2.31 3.64 -17.40
N ARG A 239 1.94 3.00 -18.51
CA ARG A 239 0.88 3.54 -19.36
C ARG A 239 -0.34 3.95 -18.53
N LEU A 240 -0.85 3.01 -17.72
CA LEU A 240 -2.05 3.28 -16.94
C LEU A 240 -1.81 4.39 -15.92
N LEU A 241 -0.61 4.45 -15.35
CA LEU A 241 -0.27 5.51 -14.41
C LEU A 241 -0.30 6.88 -15.07
N HIS A 242 -0.21 6.93 -16.40
CA HIS A 242 -0.38 8.19 -17.11
C HIS A 242 -1.81 8.40 -17.62
N HIS A 243 -2.76 7.61 -17.15
CA HIS A 243 -4.15 7.76 -17.56
C HIS A 243 -4.83 8.85 -16.72
N ASN A 244 -5.99 9.31 -17.21
CA ASN A 244 -6.68 10.43 -16.59
C ASN A 244 -7.74 10.02 -15.57
N ASP A 245 -8.24 8.79 -15.64
CA ASP A 245 -9.32 8.38 -14.76
C ASP A 245 -8.83 8.26 -13.32
N PRO A 246 -9.51 8.86 -12.34
CA PRO A 246 -9.00 8.78 -10.96
C PRO A 246 -8.91 7.37 -10.41
N GLU A 247 -9.87 6.50 -10.71
CA GLU A 247 -9.85 5.15 -10.16
C GLU A 247 -8.72 4.33 -10.79
N VAL A 248 -8.52 4.45 -12.10
CA VAL A 248 -7.40 3.79 -12.75
C VAL A 248 -6.09 4.27 -12.14
N LEU A 249 -5.97 5.57 -11.91
CA LEU A 249 -4.74 6.11 -11.31
C LEU A 249 -4.54 5.56 -9.90
N ALA A 250 -5.60 5.50 -9.11
CA ALA A 250 -5.48 4.97 -7.75
C ALA A 250 -5.02 3.52 -7.76
N ASP A 251 -5.64 2.71 -8.62
CA ASP A 251 -5.28 1.29 -8.65
C ASP A 251 -3.88 1.06 -9.22
N SER A 252 -3.46 1.89 -10.19
CA SER A 252 -2.09 1.80 -10.69
C SER A 252 -1.09 2.18 -9.60
N CYS A 253 -1.39 3.23 -8.84
CA CYS A 253 -0.52 3.61 -7.73
C CYS A 253 -0.46 2.52 -6.67
N TRP A 254 -1.59 1.84 -6.42
CA TRP A 254 -1.57 0.73 -5.48
C TRP A 254 -0.70 -0.40 -5.99
N ALA A 255 -0.80 -0.71 -7.29
CA ALA A 255 0.05 -1.75 -7.87
C ALA A 255 1.53 -1.39 -7.70
N ILE A 256 1.88 -0.14 -8.00
CA ILE A 256 3.27 0.29 -7.84
C ILE A 256 3.70 0.20 -6.39
N SER A 257 2.81 0.58 -5.47
CA SER A 257 3.13 0.46 -4.04
C SER A 257 3.41 -0.98 -3.66
N TYR A 258 2.63 -1.92 -4.19
CA TYR A 258 2.91 -3.33 -3.97
C TYR A 258 4.29 -3.70 -4.50
N LEU A 259 4.59 -3.30 -5.74
CA LEU A 259 5.84 -3.71 -6.36
C LEU A 259 7.05 -3.11 -5.66
N THR A 260 6.91 -1.93 -5.05
CA THR A 260 8.01 -1.28 -4.36
C THR A 260 8.13 -1.73 -2.90
N ASP A 261 7.24 -2.60 -2.44
CA ASP A 261 7.27 -3.09 -1.06
C ASP A 261 8.08 -4.38 -1.05
N GLY A 262 9.38 -4.25 -0.80
CA GLY A 262 10.25 -5.40 -0.75
C GLY A 262 11.72 -5.02 -0.82
N PRO A 263 12.56 -5.98 -1.22
CA PRO A 263 14.00 -5.68 -1.34
C PRO A 263 14.27 -4.59 -2.34
N ASN A 264 15.45 -3.97 -2.22
CA ASN A 264 15.80 -2.83 -3.06
C ASN A 264 15.85 -3.20 -4.53
N GLU A 265 15.99 -4.49 -4.87
CA GLU A 265 16.02 -4.89 -6.27
C GLU A 265 14.68 -4.66 -6.94
N ARG A 266 13.58 -4.95 -6.24
CA ARG A 266 12.25 -4.69 -6.79
C ARG A 266 12.01 -3.19 -6.94
N ILE A 267 12.36 -2.42 -5.90
CA ILE A 267 12.30 -0.96 -6.01
C ILE A 267 13.07 -0.50 -7.24
N GLU A 268 14.20 -1.13 -7.52
CA GLU A 268 14.99 -0.74 -8.69
C GLU A 268 14.26 -1.07 -9.98
N MET A 269 13.65 -2.26 -10.06
CA MET A 269 12.85 -2.59 -11.24
C MET A 269 11.83 -1.49 -11.50
N VAL A 270 11.17 -1.01 -10.44
CA VAL A 270 10.16 0.01 -10.63
C VAL A 270 10.79 1.34 -11.05
N VAL A 271 11.81 1.77 -10.31
CA VAL A 271 12.38 3.10 -10.52
C VAL A 271 13.03 3.20 -11.90
N LYS A 272 13.51 2.08 -12.45
CA LYS A 272 14.14 2.12 -13.76
C LYS A 272 13.15 2.55 -14.84
N LYS A 273 11.86 2.30 -14.63
CA LYS A 273 10.85 2.68 -15.61
C LYS A 273 10.60 4.19 -15.66
N GLY A 274 11.17 4.95 -14.72
CA GLY A 274 11.01 6.39 -14.75
C GLY A 274 9.69 6.89 -14.23
N VAL A 275 9.05 6.15 -13.32
CA VAL A 275 7.72 6.52 -12.86
C VAL A 275 7.73 7.50 -11.69
N VAL A 276 8.89 7.75 -11.08
CA VAL A 276 8.92 8.55 -9.86
C VAL A 276 8.36 9.96 -10.10
N PRO A 277 8.72 10.68 -11.16
CA PRO A 277 8.10 12.00 -11.38
C PRO A 277 6.58 11.95 -11.45
N GLN A 278 6.02 10.93 -12.13
CA GLN A 278 4.57 10.80 -12.17
C GLN A 278 4.01 10.48 -10.79
N LEU A 279 4.73 9.66 -10.01
CA LEU A 279 4.29 9.37 -8.65
C LEU A 279 4.24 10.63 -7.81
N VAL A 280 5.22 11.54 -7.99
CA VAL A 280 5.22 12.78 -7.22
C VAL A 280 4.08 13.69 -7.68
N LYS A 281 3.89 13.78 -8.99
CA LYS A 281 2.75 14.55 -9.51
C LYS A 281 1.45 14.06 -8.89
N LEU A 282 1.26 12.74 -8.82
CA LEU A 282 0.04 12.20 -8.22
C LEU A 282 0.02 12.44 -6.72
N LEU A 283 1.20 12.42 -6.08
CA LEU A 283 1.28 12.79 -4.67
C LEU A 283 0.72 14.18 -4.44
N GLY A 284 0.89 15.07 -5.42
CA GLY A 284 0.30 16.39 -5.33
C GLY A 284 -1.14 16.47 -5.81
N ALA A 285 -1.85 15.35 -5.79
CA ALA A 285 -3.22 15.31 -6.26
C ALA A 285 -4.19 15.75 -5.15
N THR A 286 -5.44 16.00 -5.54
CA THR A 286 -6.48 16.38 -4.61
C THR A 286 -7.24 15.19 -4.05
N GLU A 287 -7.38 14.12 -4.84
CA GLU A 287 -8.15 12.96 -4.41
C GLU A 287 -7.32 12.11 -3.44
N LEU A 288 -7.81 11.99 -2.21
CA LEU A 288 -7.15 11.12 -1.24
C LEU A 288 -6.94 9.70 -1.74
N PRO A 289 -7.88 9.05 -2.43
CA PRO A 289 -7.62 7.69 -2.93
C PRO A 289 -6.45 7.61 -3.90
N ILE A 290 -5.97 8.72 -4.43
CA ILE A 290 -4.77 8.74 -5.25
C ILE A 290 -3.53 9.10 -4.43
N VAL A 291 -3.66 10.08 -3.53
CA VAL A 291 -2.53 10.49 -2.71
C VAL A 291 -2.06 9.35 -1.82
N THR A 292 -3.01 8.62 -1.23
CA THR A 292 -2.64 7.55 -0.30
C THR A 292 -1.71 6.53 -0.95
N PRO A 293 -2.09 5.88 -2.06
CA PRO A 293 -1.16 4.92 -2.66
C PRO A 293 0.10 5.57 -3.22
N ALA A 294 0.00 6.78 -3.76
CA ALA A 294 1.20 7.47 -4.24
C ALA A 294 2.18 7.69 -3.09
N LEU A 295 1.67 8.15 -1.95
CA LEU A 295 2.53 8.35 -0.78
C LEU A 295 3.11 7.02 -0.30
N ARG A 296 2.30 5.95 -0.31
CA ARG A 296 2.82 4.65 0.08
C ARG A 296 3.97 4.22 -0.83
N ALA A 297 3.81 4.40 -2.14
CA ALA A 297 4.87 4.03 -3.08
C ALA A 297 6.12 4.86 -2.85
N ILE A 298 5.96 6.17 -2.63
CA ILE A 298 7.12 7.03 -2.41
C ILE A 298 7.86 6.62 -1.14
N GLY A 299 7.11 6.32 -0.07
CA GLY A 299 7.74 5.85 1.15
C GLY A 299 8.51 4.57 0.94
N ASN A 300 7.87 3.59 0.29
CA ASN A 300 8.55 2.34 -0.03
C ASN A 300 9.85 2.60 -0.78
N ILE A 301 9.80 3.49 -1.78
CA ILE A 301 10.98 3.76 -2.59
C ILE A 301 12.09 4.34 -1.72
N VAL A 302 11.75 5.31 -0.87
CA VAL A 302 12.77 5.92 -0.03
C VAL A 302 13.25 4.99 1.07
N THR A 303 12.61 3.84 1.27
CA THR A 303 13.21 2.84 2.14
C THR A 303 14.41 2.14 1.50
N GLY A 304 14.73 2.44 0.24
CA GLY A 304 15.79 1.74 -0.45
C GLY A 304 17.15 2.40 -0.33
N THR A 305 17.92 2.40 -1.42
CA THR A 305 19.26 2.95 -1.41
C THR A 305 19.22 4.47 -1.46
N ASP A 306 20.38 5.09 -1.21
CA ASP A 306 20.48 6.54 -1.29
C ASP A 306 20.19 7.04 -2.70
N GLU A 307 20.50 6.23 -3.72
CA GLU A 307 20.26 6.65 -5.10
C GLU A 307 18.78 6.69 -5.42
N GLN A 308 18.01 5.72 -4.94
CA GLN A 308 16.57 5.73 -5.16
C GLN A 308 15.90 6.87 -4.39
N THR A 309 16.32 7.07 -3.13
CA THR A 309 15.84 8.21 -2.37
C THR A 309 16.16 9.52 -3.08
N GLN A 310 17.34 9.60 -3.72
CA GLN A 310 17.70 10.81 -4.45
C GLN A 310 16.83 10.96 -5.69
N LYS A 311 16.48 9.87 -6.34
CA LYS A 311 15.53 9.95 -7.44
C LYS A 311 14.20 10.55 -6.96
N VAL A 312 13.77 10.15 -5.76
CA VAL A 312 12.54 10.73 -5.21
C VAL A 312 12.71 12.22 -4.94
N ILE A 313 13.85 12.60 -4.36
CA ILE A 313 14.07 14.01 -4.01
C ILE A 313 14.17 14.88 -5.25
N ASP A 314 14.84 14.38 -6.30
CA ASP A 314 15.03 15.17 -7.51
C ASP A 314 13.71 15.43 -8.22
N ALA A 315 12.73 14.53 -8.07
CA ALA A 315 11.42 14.73 -8.67
C ALA A 315 10.63 15.82 -7.98
N GLY A 316 11.13 16.40 -6.89
CA GLY A 316 10.44 17.47 -6.20
C GLY A 316 9.45 17.02 -5.16
N ALA A 317 9.64 15.85 -4.55
CA ALA A 317 8.65 15.33 -3.62
C ALA A 317 8.57 16.17 -2.36
N LEU A 318 9.71 16.67 -1.87
CA LEU A 318 9.73 17.39 -0.61
C LEU A 318 8.80 18.60 -0.63
N ALA A 319 8.65 19.25 -1.78
CA ALA A 319 7.79 20.42 -1.88
C ALA A 319 6.35 20.11 -1.53
N VAL A 320 5.95 18.84 -1.55
CA VAL A 320 4.58 18.46 -1.21
C VAL A 320 4.40 18.17 0.27
N PHE A 321 5.48 18.05 1.04
CA PHE A 321 5.36 17.54 2.40
C PHE A 321 4.85 18.56 3.41
N PRO A 322 4.96 19.86 3.16
CA PRO A 322 4.26 20.81 4.04
C PRO A 322 2.78 20.48 4.21
N SER A 323 2.10 20.13 3.12
CA SER A 323 0.70 19.73 3.22
C SER A 323 0.56 18.35 3.83
N LEU A 324 1.35 17.38 3.35
CA LEU A 324 1.25 16.02 3.85
C LEU A 324 1.47 15.96 5.35
N LEU A 325 2.47 16.69 5.85
CA LEU A 325 2.76 16.67 7.27
C LEU A 325 1.73 17.43 8.10
N THR A 326 0.82 18.16 7.45
CA THR A 326 -0.31 18.79 8.14
C THR A 326 -1.64 18.27 7.63
N ASN A 327 -1.64 17.16 6.91
CA ASN A 327 -2.87 16.64 6.34
C ASN A 327 -3.85 16.26 7.44
N PRO A 328 -5.14 16.58 7.31
CA PRO A 328 -6.09 16.23 8.37
C PRO A 328 -6.33 14.73 8.50
N LYS A 329 -5.95 13.92 7.52
CA LYS A 329 -6.09 12.48 7.62
C LYS A 329 -4.89 11.91 8.38
N THR A 330 -5.15 11.27 9.52
CA THR A 330 -4.07 10.82 10.39
C THR A 330 -3.14 9.85 9.67
N ASN A 331 -3.71 8.96 8.85
CA ASN A 331 -2.88 7.98 8.14
C ASN A 331 -1.92 8.68 7.19
N ILE A 332 -2.38 9.73 6.50
CA ILE A 332 -1.50 10.47 5.60
C ILE A 332 -0.36 11.10 6.39
N GLN A 333 -0.68 11.71 7.52
CA GLN A 333 0.37 12.33 8.33
C GLN A 333 1.38 11.30 8.80
N LYS A 334 0.90 10.14 9.26
CA LYS A 334 1.80 9.09 9.73
C LYS A 334 2.70 8.60 8.61
N GLU A 335 2.12 8.30 7.43
CA GLU A 335 2.90 7.79 6.32
C GLU A 335 3.92 8.84 5.86
N ALA A 336 3.53 10.10 5.83
CA ALA A 336 4.45 11.16 5.41
C ALA A 336 5.59 11.32 6.41
N THR A 337 5.29 11.21 7.70
CA THR A 337 6.35 11.32 8.70
C THR A 337 7.29 10.12 8.63
N TRP A 338 6.75 8.94 8.33
CA TRP A 338 7.59 7.76 8.13
C TRP A 338 8.51 7.94 6.92
N THR A 339 7.96 8.43 5.81
CA THR A 339 8.76 8.76 4.64
C THR A 339 9.87 9.75 5.01
N MET A 340 9.52 10.79 5.78
CA MET A 340 10.52 11.77 6.19
C MET A 340 11.60 11.14 7.06
N SER A 341 11.20 10.22 7.94
CA SER A 341 12.18 9.56 8.79
C SER A 341 13.15 8.73 7.96
N ASN A 342 12.64 8.08 6.91
CA ASN A 342 13.54 7.33 6.03
C ASN A 342 14.40 8.25 5.17
N ILE A 343 13.92 9.47 4.90
CA ILE A 343 14.73 10.41 4.15
C ILE A 343 15.83 11.02 5.01
N THR A 344 15.55 11.27 6.28
CA THR A 344 16.56 11.79 7.19
C THR A 344 17.59 10.74 7.59
N ALA A 345 17.34 9.47 7.27
CA ALA A 345 18.32 8.41 7.44
C ALA A 345 19.28 8.30 6.26
N GLY A 346 19.19 9.23 5.31
CA GLY A 346 20.03 9.19 4.13
C GLY A 346 21.29 10.04 4.28
N ARG A 347 21.85 10.40 3.12
CA ARG A 347 23.10 11.14 3.09
C ARG A 347 22.92 12.54 3.68
N GLN A 348 24.05 13.18 3.98
CA GLN A 348 24.00 14.51 4.59
C GLN A 348 23.45 15.55 3.63
N ASP A 349 23.72 15.43 2.33
CA ASP A 349 23.13 16.35 1.37
C ASP A 349 21.62 16.16 1.29
N GLN A 350 21.13 14.95 1.53
CA GLN A 350 19.69 14.73 1.52
C GLN A 350 19.03 15.34 2.76
N ILE A 351 19.68 15.22 3.92
CA ILE A 351 19.21 15.93 5.10
C ILE A 351 19.23 17.44 4.84
N GLN A 352 20.26 17.92 4.13
CA GLN A 352 20.33 19.34 3.82
C GLN A 352 19.18 19.77 2.92
N GLN A 353 18.82 18.92 1.95
N GLN A 353 18.82 18.92 1.95
CA GLN A 353 17.68 19.23 1.09
CA GLN A 353 17.68 19.23 1.09
C GLN A 353 16.38 19.24 1.90
C GLN A 353 16.39 19.24 1.91
N VAL A 354 16.28 18.36 2.90
CA VAL A 354 15.13 18.41 3.81
C VAL A 354 15.11 19.75 4.54
N VAL A 355 16.29 20.23 4.96
CA VAL A 355 16.38 21.50 5.67
C VAL A 355 15.98 22.66 4.75
N ASN A 356 16.46 22.64 3.51
CA ASN A 356 16.22 23.75 2.59
C ASN A 356 14.74 23.92 2.30
N HIS A 357 14.01 22.81 2.18
CA HIS A 357 12.58 22.87 1.91
C HIS A 357 11.78 23.31 3.14
N GLY A 358 12.44 23.64 4.24
CA GLY A 358 11.74 24.12 5.41
C GLY A 358 10.91 23.09 6.12
N LEU A 359 11.31 21.82 6.05
CA LEU A 359 10.52 20.73 6.62
C LEU A 359 10.83 20.47 8.09
N VAL A 360 11.96 20.98 8.60
CA VAL A 360 12.29 20.74 10.01
C VAL A 360 11.24 21.37 10.93
N PRO A 361 10.79 22.62 10.70
CA PRO A 361 9.68 23.13 11.52
C PRO A 361 8.44 22.26 11.45
N PHE A 362 8.16 21.63 10.31
CA PHE A 362 7.00 20.75 10.22
C PHE A 362 7.21 19.49 11.04
N LEU A 363 8.44 18.97 11.09
CA LEU A 363 8.72 17.84 11.97
C LEU A 363 8.59 18.25 13.43
N VAL A 364 9.04 19.45 13.79
CA VAL A 364 8.84 19.95 15.15
C VAL A 364 7.36 20.02 15.46
N GLY A 365 6.56 20.50 14.52
CA GLY A 365 5.12 20.58 14.74
C GLY A 365 4.49 19.22 14.95
N VAL A 366 4.80 18.28 14.06
CA VAL A 366 4.26 16.92 14.20
C VAL A 366 4.68 16.32 15.54
N LEU A 367 5.91 16.59 15.97
CA LEU A 367 6.37 16.10 17.26
C LEU A 367 5.60 16.76 18.41
N SER A 368 5.22 18.02 18.25
CA SER A 368 4.53 18.73 19.31
C SER A 368 3.07 18.29 19.43
N LYS A 369 2.40 18.07 18.31
CA LYS A 369 0.97 17.75 18.32
C LYS A 369 0.66 16.87 17.12
N ALA A 370 0.19 15.66 17.38
CA ALA A 370 -0.20 14.72 16.33
C ALA A 370 -0.63 13.42 17.02
N ASP A 371 -1.20 12.52 16.22
CA ASP A 371 -1.46 11.17 16.70
C ASP A 371 -0.16 10.58 17.24
N PHE A 372 -0.29 9.73 18.28
CA PHE A 372 0.89 9.21 18.95
C PHE A 372 1.78 8.42 17.98
N LYS A 373 1.17 7.69 17.04
CA LYS A 373 1.96 6.93 16.08
C LYS A 373 2.74 7.87 15.16
N THR A 374 2.11 8.96 14.72
CA THR A 374 2.83 9.96 13.95
C THR A 374 3.96 10.56 14.78
N GLN A 375 3.74 10.76 16.08
CA GLN A 375 4.79 11.29 16.94
C GLN A 375 5.94 10.29 17.05
N LYS A 376 5.64 8.99 17.07
CA LYS A 376 6.69 7.98 17.07
C LYS A 376 7.51 8.06 15.78
N GLU A 377 6.82 8.17 14.64
CA GLU A 377 7.52 8.31 13.38
C GLU A 377 8.39 9.56 13.35
N ALA A 378 7.90 10.64 13.96
CA ALA A 378 8.68 11.88 13.99
C ALA A 378 9.89 11.75 14.90
N ALA A 379 9.74 11.05 16.02
CA ALA A 379 10.89 10.78 16.88
C ALA A 379 11.93 9.96 16.13
N TRP A 380 11.49 8.96 15.37
CA TRP A 380 12.41 8.21 14.53
C TRP A 380 13.12 9.11 13.54
N ALA A 381 12.37 10.02 12.90
CA ALA A 381 12.97 10.93 11.94
C ALA A 381 14.03 11.80 12.60
N ILE A 382 13.74 12.28 13.82
CA ILE A 382 14.70 13.13 14.52
C ILE A 382 15.94 12.34 14.90
N THR A 383 15.77 11.10 15.34
CA THR A 383 16.92 10.30 15.72
C THR A 383 17.80 10.01 14.50
N ASN A 384 17.20 9.67 13.36
CA ASN A 384 17.98 9.46 12.15
C ASN A 384 18.69 10.74 11.75
N TYR A 385 17.97 11.87 11.76
CA TYR A 385 18.56 13.16 11.45
C TYR A 385 19.80 13.43 12.29
N THR A 386 19.68 13.25 13.61
CA THR A 386 20.79 13.56 14.50
C THR A 386 21.91 12.53 14.42
N SER A 387 21.60 11.30 13.98
CA SER A 387 22.65 10.29 13.83
C SER A 387 23.46 10.52 12.56
N GLY A 388 22.81 10.97 11.49
CA GLY A 388 23.50 11.14 10.22
C GLY A 388 23.85 12.57 9.88
N GLY A 389 23.28 13.53 10.62
CA GLY A 389 23.45 14.91 10.26
C GLY A 389 24.76 15.52 10.76
N THR A 390 25.16 16.61 10.12
CA THR A 390 26.33 17.36 10.57
C THR A 390 26.00 18.12 11.85
N VAL A 391 27.04 18.69 12.45
CA VAL A 391 26.85 19.49 13.66
C VAL A 391 26.02 20.72 13.34
N GLU A 392 26.23 21.32 12.16
CA GLU A 392 25.46 22.50 11.77
C GLU A 392 23.98 22.17 11.65
N GLN A 393 23.66 21.03 11.03
CA GLN A 393 22.27 20.64 10.86
C GLN A 393 21.63 20.33 12.21
N ILE A 394 22.37 19.69 13.11
CA ILE A 394 21.82 19.39 14.43
C ILE A 394 21.58 20.67 15.22
N VAL A 395 22.49 21.65 15.09
CA VAL A 395 22.28 22.93 15.76
C VAL A 395 21.06 23.63 15.19
N TYR A 396 20.89 23.60 13.86
CA TYR A 396 19.68 24.16 13.26
C TYR A 396 18.44 23.48 13.82
N LEU A 397 18.46 22.16 13.91
CA LEU A 397 17.35 21.42 14.48
C LEU A 397 17.03 21.91 15.89
N VAL A 398 18.06 22.10 16.71
CA VAL A 398 17.84 22.62 18.06
C VAL A 398 17.23 24.01 18.01
N HIS A 399 17.72 24.85 17.09
CA HIS A 399 17.21 26.21 16.97
C HIS A 399 15.75 26.26 16.54
N CYS A 400 15.25 25.19 15.91
CA CYS A 400 13.87 25.16 15.46
C CYS A 400 12.91 24.77 16.57
N GLY A 401 13.40 24.37 17.74
CA GLY A 401 12.55 24.10 18.89
C GLY A 401 12.26 22.63 19.10
N ILE A 402 13.25 21.77 18.88
CA ILE A 402 13.02 20.33 19.00
C ILE A 402 13.06 19.87 20.45
N ILE A 403 13.83 20.56 21.29
CA ILE A 403 14.12 20.04 22.63
C ILE A 403 12.84 19.88 23.44
N GLU A 404 12.04 20.94 23.53
CA GLU A 404 10.86 20.87 24.38
C GLU A 404 9.89 19.78 23.96
N PRO A 405 9.49 19.67 22.68
CA PRO A 405 8.60 18.56 22.31
C PRO A 405 9.22 17.19 22.50
N LEU A 406 10.51 17.04 22.18
CA LEU A 406 11.16 15.74 22.35
C LEU A 406 11.18 15.34 23.82
N MET A 407 11.35 16.32 24.72
CA MET A 407 11.36 16.01 26.15
C MET A 407 9.96 15.76 26.68
N ASN A 408 8.96 16.48 26.16
CA ASN A 408 7.58 16.23 26.57
C ASN A 408 7.14 14.83 26.14
N LEU A 409 7.67 14.33 25.02
CA LEU A 409 7.30 12.99 24.57
C LEU A 409 7.91 11.89 25.44
N LEU A 410 8.80 12.22 26.36
CA LEU A 410 9.40 11.22 27.23
C LEU A 410 8.45 10.73 28.32
N SER A 411 7.27 11.32 28.43
CA SER A 411 6.28 10.89 29.41
C SER A 411 5.32 9.84 28.86
N ALA A 412 5.61 9.30 27.69
CA ALA A 412 4.72 8.34 27.06
C ALA A 412 4.97 6.94 27.59
N LYS A 413 3.91 6.16 27.69
CA LYS A 413 4.00 4.78 28.15
C LYS A 413 4.32 3.84 26.99
N ASP A 414 5.47 4.11 26.36
CA ASP A 414 5.95 3.32 25.25
C ASP A 414 7.48 3.31 25.31
N THR A 415 8.06 2.12 25.40
CA THR A 415 9.50 2.02 25.60
C THR A 415 10.27 2.41 24.35
N LYS A 416 9.79 2.01 23.17
CA LYS A 416 10.57 2.21 21.95
C LYS A 416 10.78 3.68 21.67
N ILE A 417 9.73 4.49 21.78
CA ILE A 417 9.89 5.93 21.56
C ILE A 417 10.82 6.51 22.60
N ILE A 418 10.80 5.97 23.82
CA ILE A 418 11.70 6.46 24.87
C ILE A 418 13.15 6.23 24.45
N GLN A 419 13.46 5.02 23.99
CA GLN A 419 14.83 4.72 23.57
C GLN A 419 15.24 5.57 22.37
N VAL A 420 14.32 5.76 21.42
CA VAL A 420 14.62 6.59 20.25
C VAL A 420 14.93 8.02 20.69
N ILE A 421 14.12 8.56 21.60
CA ILE A 421 14.30 9.94 22.05
C ILE A 421 15.62 10.07 22.82
N LEU A 422 15.97 9.06 23.62
CA LEU A 422 17.22 9.12 24.36
C LEU A 422 18.41 9.06 23.41
N ASP A 423 18.31 8.25 22.35
CA ASP A 423 19.36 8.23 21.34
C ASP A 423 19.51 9.59 20.68
N ALA A 424 18.39 10.22 20.32
CA ALA A 424 18.45 11.54 19.70
C ALA A 424 19.07 12.56 20.65
N ILE A 425 18.70 12.50 21.93
CA ILE A 425 19.28 13.41 22.92
C ILE A 425 20.79 13.20 23.01
N SER A 426 21.23 11.94 23.01
CA SER A 426 22.66 11.65 23.05
C SER A 426 23.36 12.23 21.82
N ASN A 427 22.74 12.11 20.65
CA ASN A 427 23.36 12.65 19.44
C ASN A 427 23.47 14.17 19.51
N ILE A 428 22.41 14.84 19.95
CA ILE A 428 22.45 16.31 20.06
C ILE A 428 23.50 16.72 21.09
N PHE A 429 23.63 15.94 22.16
CA PHE A 429 24.63 16.25 23.18
C PHE A 429 26.04 16.05 22.63
N GLN A 430 26.24 15.04 21.80
CA GLN A 430 27.53 14.85 21.15
C GLN A 430 27.86 16.04 20.25
N ALA A 431 26.87 16.53 19.50
CA ALA A 431 27.08 17.72 18.68
C ALA A 431 27.47 18.91 19.55
N ALA A 432 26.75 19.12 20.65
CA ALA A 432 27.06 20.22 21.55
C ALA A 432 28.48 20.09 22.11
N GLU A 433 28.85 18.88 22.52
CA GLU A 433 30.22 18.62 22.95
C GLU A 433 31.22 19.04 21.88
N LYS A 434 30.98 18.63 20.64
CA LYS A 434 31.85 19.05 19.55
C LYS A 434 31.91 20.57 19.44
N LEU A 435 30.83 21.26 19.80
CA LEU A 435 30.81 22.72 19.78
C LEU A 435 31.19 23.33 21.12
N GLY A 436 31.12 22.58 22.21
CA GLY A 436 31.38 23.12 23.53
C GLY A 436 30.20 23.77 24.20
N GLU A 437 28.99 23.59 23.66
CA GLU A 437 27.78 24.19 24.21
C GLU A 437 26.96 23.20 25.03
N THR A 438 27.55 22.06 25.41
CA THR A 438 26.84 21.07 26.21
C THR A 438 26.15 21.70 27.41
N GLU A 439 26.78 22.70 28.03
CA GLU A 439 26.21 23.35 29.19
C GLU A 439 24.89 24.04 28.82
N LYS A 440 24.89 24.78 27.72
CA LYS A 440 23.68 25.48 27.31
C LYS A 440 22.56 24.51 26.98
N LEU A 441 22.88 23.42 26.28
CA LEU A 441 21.87 22.42 25.95
C LEU A 441 21.30 21.78 27.21
N SER A 442 22.14 21.51 28.19
CA SER A 442 21.64 20.99 29.46
C SER A 442 20.72 22.00 30.13
N ILE A 443 21.06 23.29 30.05
CA ILE A 443 20.19 24.33 30.59
C ILE A 443 18.82 24.27 29.90
N MET A 444 18.82 24.16 28.57
CA MET A 444 17.55 24.10 27.84
C MET A 444 16.74 22.89 28.30
N ILE A 445 17.37 21.71 28.35
CA ILE A 445 16.67 20.51 28.75
C ILE A 445 16.12 20.64 30.16
N GLU A 446 16.81 21.39 31.02
CA GLU A 446 16.35 21.58 32.39
C GLU A 446 15.18 22.56 32.46
N GLU A 447 15.21 23.60 31.62
CA GLU A 447 14.16 24.63 31.70
C GLU A 447 12.80 24.07 31.30
N CYS A 448 12.75 23.26 30.24
CA CYS A 448 11.49 22.68 29.78
C CYS A 448 11.02 21.52 30.66
N GLY A 449 11.67 21.29 31.79
CA GLY A 449 11.29 20.19 32.68
C GLY A 449 11.77 18.83 32.25
N GLY A 450 12.70 18.77 31.30
CA GLY A 450 13.14 17.49 30.78
C GLY A 450 14.10 16.74 31.68
N LEU A 451 14.92 17.47 32.44
CA LEU A 451 15.83 16.82 33.37
C LEU A 451 15.06 15.94 34.35
N ASP A 452 13.91 16.41 34.82
CA ASP A 452 13.08 15.59 35.69
C ASP A 452 12.61 14.33 34.96
N LYS A 453 12.33 14.45 33.67
CA LYS A 453 11.85 13.29 32.92
C LYS A 453 12.94 12.24 32.81
N ILE A 454 14.18 12.67 32.53
CA ILE A 454 15.28 11.70 32.45
C ILE A 454 15.58 11.12 33.84
N GLU A 455 15.47 11.94 34.87
CA GLU A 455 15.65 11.44 36.23
C GLU A 455 14.63 10.37 36.55
N ALA A 456 13.38 10.55 36.11
CA ALA A 456 12.37 9.51 36.30
C ALA A 456 12.70 8.27 35.47
N LEU A 457 13.15 8.47 34.22
CA LEU A 457 13.52 7.35 33.37
C LEU A 457 14.61 6.50 34.02
N GLN A 458 15.45 7.12 34.86
CA GLN A 458 16.42 6.35 35.63
C GLN A 458 15.78 5.09 36.21
N ARG A 459 14.58 5.25 36.80
CA ARG A 459 13.87 4.15 37.46
C ARG A 459 12.90 3.45 36.53
N HIS A 460 13.29 3.20 35.27
CA HIS A 460 12.43 2.53 34.32
C HIS A 460 12.65 1.03 34.36
N GLU A 461 11.64 0.29 33.89
CA GLU A 461 11.65 -1.17 33.91
C GLU A 461 12.42 -1.78 32.74
N ASN A 462 13.12 -0.97 31.94
CA ASN A 462 13.90 -1.44 30.81
C ASN A 462 15.37 -1.14 31.06
N GLU A 463 16.23 -2.13 30.81
CA GLU A 463 17.66 -1.95 31.05
C GLU A 463 18.21 -0.80 30.22
N SER A 464 18.01 -0.86 28.90
CA SER A 464 18.57 0.17 28.02
C SER A 464 18.10 1.56 28.42
N VAL A 465 16.81 1.70 28.77
CA VAL A 465 16.27 3.01 29.11
C VAL A 465 16.96 3.56 30.35
N TYR A 466 16.98 2.78 31.43
CA TYR A 466 17.62 3.23 32.66
C TYR A 466 19.09 3.53 32.43
N LYS A 467 19.79 2.66 31.70
CA LYS A 467 21.21 2.84 31.47
C LYS A 467 21.48 4.13 30.71
N ALA A 468 20.71 4.38 29.65
CA ALA A 468 20.94 5.57 28.83
C ALA A 468 20.57 6.84 29.58
N SER A 469 19.48 6.82 30.34
CA SER A 469 19.13 7.97 31.16
C SER A 469 20.24 8.28 32.16
N LEU A 470 20.77 7.24 32.81
CA LEU A 470 21.87 7.42 33.76
C LEU A 470 23.08 8.01 33.07
N ASN A 471 23.45 7.47 31.90
CA ASN A 471 24.59 8.01 31.17
C ASN A 471 24.38 9.47 30.83
N LEU A 472 23.18 9.84 30.39
CA LEU A 472 22.92 11.22 30.04
C LEU A 472 23.05 12.14 31.25
N ILE A 473 22.45 11.75 32.38
CA ILE A 473 22.48 12.65 33.54
C ILE A 473 23.88 12.73 34.13
N GLU A 474 24.69 11.68 34.00
CA GLU A 474 26.01 11.69 34.61
C GLU A 474 27.07 12.30 33.70
N LYS A 475 26.88 12.25 32.39
CA LYS A 475 27.84 12.77 31.43
C LYS A 475 27.59 14.21 31.05
N TYR A 476 26.46 14.80 31.46
CA TYR A 476 26.11 16.15 31.03
C TYR A 476 25.46 16.93 32.17
N PHE A 477 24.56 16.30 32.91
CA PHE A 477 23.87 16.96 34.01
C PHE A 477 24.56 16.63 35.33
N GLU B 2 -7.41 -7.51 -2.25
CA GLU B 2 -8.81 -7.11 -2.24
C GLU B 2 -9.65 -8.08 -3.05
N LYS B 3 -10.95 -8.09 -2.74
CA LYS B 3 -11.94 -8.82 -3.51
C LYS B 3 -13.13 -7.90 -3.72
N ARG B 4 -13.81 -8.08 -4.86
CA ARG B 4 -14.92 -7.21 -5.25
C ARG B 4 -16.10 -8.08 -5.65
N ARG B 5 -17.25 -7.82 -5.02
CA ARG B 5 -18.50 -8.45 -5.42
C ARG B 5 -19.24 -7.53 -6.38
N LYS B 6 -19.79 -8.11 -7.44
CA LYS B 6 -20.53 -7.36 -8.44
C LYS B 6 -22.00 -7.30 -8.03
N PHE B 7 -22.52 -6.08 -7.86
CA PHE B 7 -23.90 -5.86 -7.42
C PHE B 7 -24.78 -5.49 -8.61
N LEU B 8 -26.07 -5.33 -8.34
CA LEU B 8 -27.03 -4.86 -9.33
C LEU B 8 -26.99 -5.70 -10.60
N LYS B 21 17.53 2.49 7.58
CA LYS B 21 16.21 2.65 6.98
C LYS B 21 15.24 1.61 7.54
N ARG B 22 13.99 2.02 7.76
CA ARG B 22 12.95 1.17 8.31
C ARG B 22 11.93 0.89 7.21
N LYS B 23 11.87 -0.36 6.76
CA LYS B 23 10.92 -0.75 5.72
C LYS B 23 9.48 -0.81 6.25
N VAL B 24 9.29 -0.71 7.57
CA VAL B 24 7.97 -0.76 8.18
C VAL B 24 7.85 0.37 9.19
N TRP B 25 6.65 0.94 9.29
CA TRP B 25 6.40 2.05 10.19
C TRP B 25 6.02 1.55 11.59
#